data_5SLH
#
_entry.id   5SLH
#
_cell.length_a   67.502
_cell.length_b   67.783
_cell.length_c   138.589
_cell.angle_alpha   90.000
_cell.angle_beta   90.000
_cell.angle_gamma   90.000
#
_symmetry.space_group_name_H-M   'P 21 21 21'
#
loop_
_entity.id
_entity.type
_entity.pdbx_description
1 polymer 'Proofreading exoribonuclease nsp14'
2 non-polymer 'ZINC ION'
3 non-polymer 'PHOSPHATE ION'
4 non-polymer '(2S)-2-(2-fluorophenoxy)propanoic acid'
5 water water
#
_entity_poly.entity_id   1
_entity_poly.type   'polypeptide(L)'
_entity_poly.pdbx_seq_one_letter_code
;SMLFKDCSKVITGLHPTQAPTHLSVDTKFKTEGLCVDIPGIPKDMTYRRLISMMGFKMNYQVNGYPNMFITREEAIRHVR
AWIGFDVEGCHATREAVGTNLPLQLGFSTGVNLVAVPTGYVDTPNNTDFSRVSAKPPPGDQFKHLIPLMYKGLPWNVVRI
KIVQMLSDTLKNLSDRVVFVLWAHGFELTSMKYFVKIGPERTCCLCDRRATCFSTASDTYACWHHSIGFDYVYNPFMIDV
QQWGFTGNLQSNHDLYCQVHGNAHVASCDAIMTRCLAVHECFVKRVDWTIEYPIIGDELKINAACRKVQHMVVKAALLAD
KFPVLHDIGNPKAIKCVPQADVEWKFYDAQPCSDKAYKIEELFYSYATHSDKFTDGVCLFWNCNVDRYPANSIVCRFDTR
VLSNLNLPGCDGGSLYVNKHAFHTPAFDKSAFVNLKQLPFFYYSDSPCESHGKQVVSDIDYVPLKSATCITRCNLGGAVC
RHHANEYRLYLDAYNMMISAGFSLWVYKQFDTYNLWNTFTRLQ
;
_entity_poly.pdbx_strand_id   D
#
loop_
_chem_comp.id
_chem_comp.type
_chem_comp.name
_chem_comp.formula
LLU non-polymer '(2S)-2-(2-fluorophenoxy)propanoic acid' 'C9 H9 F O3'
PO4 non-polymer 'PHOSPHATE ION' 'O4 P -3'
ZN non-polymer 'ZINC ION' 'Zn 2'
#
# COMPACT_ATOMS: atom_id res chain seq x y z
N PRO A 20 -19.34 11.03 -17.60
CA PRO A 20 -17.94 10.59 -17.52
C PRO A 20 -17.59 10.01 -16.15
N THR A 21 -18.39 9.04 -15.69
CA THR A 21 -18.11 8.38 -14.42
C THR A 21 -17.66 6.94 -14.67
N HIS A 22 -18.46 6.14 -15.39
CA HIS A 22 -18.09 4.75 -15.67
C HIS A 22 -17.55 4.58 -17.10
N LEU A 23 -17.03 3.39 -17.43
CA LEU A 23 -16.53 3.10 -18.76
C LEU A 23 -17.72 2.69 -19.60
N SER A 24 -18.00 3.43 -20.71
CA SER A 24 -19.10 3.08 -21.58
C SER A 24 -18.91 1.68 -22.17
N VAL A 25 -19.95 0.84 -22.15
CA VAL A 25 -19.84 -0.47 -22.80
C VAL A 25 -19.61 -0.34 -24.30
N ASP A 26 -20.00 0.82 -24.91
CA ASP A 26 -19.81 1.05 -26.34
C ASP A 26 -18.40 1.56 -26.71
N THR A 27 -17.49 1.67 -25.72
CA THR A 27 -16.11 2.06 -25.96
C THR A 27 -15.44 0.92 -26.73
N LYS A 28 -14.51 1.29 -27.62
CA LYS A 28 -13.79 0.29 -28.41
C LYS A 28 -12.74 -0.44 -27.57
N PHE A 29 -12.58 -1.72 -27.85
CA PHE A 29 -11.63 -2.58 -27.17
C PHE A 29 -10.73 -3.13 -28.28
N LYS A 30 -9.41 -2.91 -28.17
CA LYS A 30 -8.45 -3.39 -29.17
C LYS A 30 -8.26 -4.89 -28.92
N THR A 31 -8.41 -5.70 -29.96
CA THR A 31 -8.38 -7.16 -29.86
C THR A 31 -7.13 -7.85 -30.37
N GLU A 32 -6.13 -7.10 -30.82
CA GLU A 32 -4.89 -7.70 -31.34
C GLU A 32 -4.21 -8.68 -30.34
N GLY A 33 -4.17 -8.32 -29.06
CA GLY A 33 -3.60 -9.18 -28.02
C GLY A 33 -4.36 -10.46 -27.74
N LEU A 34 -5.60 -10.55 -28.22
CA LEU A 34 -6.48 -11.70 -28.02
C LEU A 34 -6.44 -12.67 -29.20
N CYS A 35 -5.94 -12.26 -30.38
CA CYS A 35 -6.09 -13.07 -31.59
C CYS A 35 -5.25 -14.36 -31.67
N VAL A 36 -4.28 -14.58 -30.79
CA VAL A 36 -3.54 -15.86 -30.82
C VAL A 36 -4.37 -16.95 -30.10
N ASP A 37 -4.96 -16.61 -28.94
CA ASP A 37 -5.88 -17.53 -28.23
C ASP A 37 -7.23 -17.59 -28.96
N ILE A 38 -7.66 -16.47 -29.55
CA ILE A 38 -8.94 -16.37 -30.25
C ILE A 38 -8.75 -15.95 -31.73
N PRO A 39 -8.29 -16.87 -32.60
CA PRO A 39 -8.08 -16.49 -34.00
C PRO A 39 -9.38 -16.15 -34.72
N GLY A 40 -9.32 -15.11 -35.56
CA GLY A 40 -10.48 -14.66 -36.32
C GLY A 40 -11.27 -13.56 -35.61
N ILE A 41 -10.89 -13.22 -34.36
CA ILE A 41 -11.56 -12.17 -33.58
C ILE A 41 -11.67 -10.85 -34.36
N PRO A 42 -12.88 -10.22 -34.36
CA PRO A 42 -13.03 -8.97 -35.10
C PRO A 42 -12.14 -7.88 -34.55
N LYS A 43 -11.58 -7.08 -35.46
CA LYS A 43 -10.76 -5.94 -35.08
C LYS A 43 -11.65 -4.87 -34.43
N ASP A 44 -12.85 -4.70 -34.96
CA ASP A 44 -13.84 -3.76 -34.48
C ASP A 44 -14.59 -4.46 -33.36
N MET A 45 -14.45 -3.97 -32.13
CA MET A 45 -15.04 -4.64 -30.97
C MET A 45 -15.34 -3.65 -29.85
N THR A 46 -16.52 -3.74 -29.22
CA THR A 46 -16.85 -2.91 -28.07
C THR A 46 -16.80 -3.76 -26.81
N TYR A 47 -16.83 -3.13 -25.63
CA TYR A 47 -16.91 -3.87 -24.37
C TYR A 47 -18.26 -4.67 -24.34
N ARG A 48 -19.34 -4.10 -24.93
CA ARG A 48 -20.67 -4.70 -25.04
C ARG A 48 -20.57 -6.06 -25.73
N ARG A 49 -19.92 -6.12 -26.91
CA ARG A 49 -19.75 -7.35 -27.67
C ARG A 49 -18.76 -8.32 -26.98
N LEU A 50 -17.68 -7.79 -26.37
CA LEU A 50 -16.68 -8.60 -25.62
C LEU A 50 -17.32 -9.33 -24.44
N ILE A 51 -18.13 -8.62 -23.63
CA ILE A 51 -18.84 -9.20 -22.48
C ILE A 51 -19.81 -10.30 -22.95
N SER A 52 -20.47 -10.07 -24.08
CA SER A 52 -21.37 -11.06 -24.66
C SER A 52 -20.60 -12.31 -25.09
N MET A 53 -19.45 -12.13 -25.74
CA MET A 53 -18.55 -13.19 -26.20
C MET A 53 -17.97 -13.98 -24.99
N MET A 54 -17.80 -13.29 -23.85
CA MET A 54 -17.33 -13.93 -22.63
C MET A 54 -18.42 -14.80 -21.97
N GLY A 55 -19.63 -14.84 -22.53
CA GLY A 55 -20.75 -15.63 -22.01
C GLY A 55 -21.60 -14.94 -20.98
N PHE A 56 -21.53 -13.60 -20.87
CA PHE A 56 -22.34 -12.87 -19.89
C PHE A 56 -23.45 -12.07 -20.58
N LYS A 57 -24.61 -11.95 -19.92
CA LYS A 57 -25.72 -11.17 -20.49
C LYS A 57 -26.05 -10.02 -19.55
N MET A 58 -25.90 -8.77 -20.01
CA MET A 58 -26.16 -7.61 -19.16
C MET A 58 -27.66 -7.26 -19.04
N ASN A 59 -28.51 -7.77 -19.97
CA ASN A 59 -29.98 -7.63 -19.97
C ASN A 59 -30.56 -6.19 -19.94
N TYR A 60 -29.79 -5.15 -20.35
CA TYR A 60 -30.19 -3.72 -20.29
C TYR A 60 -30.50 -3.39 -18.83
N GLN A 61 -29.46 -3.40 -17.97
CA GLN A 61 -29.67 -3.24 -16.54
C GLN A 61 -29.03 -1.98 -15.92
N VAL A 62 -29.90 -1.08 -15.41
CA VAL A 62 -29.47 0.14 -14.72
C VAL A 62 -29.47 -0.12 -13.21
N ASN A 63 -28.79 -1.18 -12.77
CA ASN A 63 -28.76 -1.54 -11.37
C ASN A 63 -27.35 -1.51 -10.77
N GLY A 64 -26.64 -0.40 -10.95
CA GLY A 64 -25.32 -0.18 -10.37
C GLY A 64 -24.10 -0.88 -10.96
N TYR A 65 -24.28 -1.80 -11.90
CA TYR A 65 -23.15 -2.52 -12.50
C TYR A 65 -23.22 -2.33 -14.03
N PRO A 66 -22.81 -1.16 -14.57
CA PRO A 66 -23.00 -0.92 -16.02
C PRO A 66 -22.00 -1.62 -16.92
N ASN A 67 -20.85 -1.98 -16.40
CA ASN A 67 -19.80 -2.63 -17.17
C ASN A 67 -18.90 -3.47 -16.23
N MET A 68 -18.48 -4.67 -16.69
CA MET A 68 -17.53 -5.50 -15.96
C MET A 68 -16.13 -4.81 -15.93
N PHE A 69 -15.81 -4.07 -17.00
CA PHE A 69 -14.56 -3.36 -17.18
C PHE A 69 -14.67 -1.92 -16.67
N ILE A 70 -13.57 -1.41 -16.12
CA ILE A 70 -13.56 -0.05 -15.55
C ILE A 70 -12.46 0.82 -16.14
N THR A 71 -12.59 2.15 -15.96
CA THR A 71 -11.59 3.09 -16.42
C THR A 71 -10.33 3.01 -15.52
N ARG A 72 -9.23 3.55 -16.03
CA ARG A 72 -7.96 3.67 -15.33
C ARG A 72 -8.17 4.51 -14.07
N GLU A 73 -8.97 5.60 -14.16
CA GLU A 73 -9.26 6.43 -13.00
C GLU A 73 -10.03 5.64 -11.92
N GLU A 74 -11.05 4.84 -12.33
CA GLU A 74 -11.79 4.02 -11.36
C GLU A 74 -10.88 2.95 -10.77
N ALA A 75 -9.98 2.36 -11.58
CA ALA A 75 -9.00 1.38 -11.10
C ALA A 75 -8.09 1.98 -10.03
N ILE A 76 -7.59 3.22 -10.24
CA ILE A 76 -6.69 3.89 -9.29
C ILE A 76 -7.40 4.13 -7.97
N ARG A 77 -8.65 4.62 -8.04
CA ARG A 77 -9.43 4.83 -6.82
C ARG A 77 -9.67 3.53 -6.03
N HIS A 78 -9.55 2.38 -6.68
CA HIS A 78 -9.79 1.09 -6.08
C HIS A 78 -8.56 0.21 -6.13
N VAL A 79 -7.35 0.80 -6.05
CA VAL A 79 -6.09 0.07 -6.05
C VAL A 79 -6.04 -1.04 -4.96
N ARG A 80 -6.71 -0.86 -3.79
CA ARG A 80 -6.69 -1.91 -2.76
C ARG A 80 -7.37 -3.21 -3.21
N ALA A 81 -8.28 -3.12 -4.23
CA ALA A 81 -8.99 -4.26 -4.79
C ALA A 81 -8.17 -5.00 -5.86
N TRP A 82 -7.02 -4.45 -6.31
CA TRP A 82 -6.29 -5.04 -7.45
C TRP A 82 -5.73 -6.41 -7.16
N ILE A 83 -6.04 -7.35 -8.07
CA ILE A 83 -5.58 -8.73 -8.07
C ILE A 83 -5.19 -9.03 -9.50
N GLY A 84 -3.91 -9.20 -9.77
CA GLY A 84 -3.44 -9.60 -11.09
C GLY A 84 -3.95 -11.00 -11.38
N PHE A 85 -4.34 -11.26 -12.62
CA PHE A 85 -4.89 -12.55 -12.98
C PHE A 85 -4.46 -12.93 -14.38
N ASP A 86 -3.97 -14.15 -14.52
CA ASP A 86 -3.51 -14.63 -15.80
C ASP A 86 -3.91 -16.08 -15.97
N VAL A 87 -4.24 -16.48 -17.21
CA VAL A 87 -4.54 -17.87 -17.50
C VAL A 87 -3.63 -18.35 -18.61
N GLU A 88 -2.97 -19.48 -18.40
CA GLU A 88 -2.09 -20.07 -19.38
C GLU A 88 -2.59 -21.48 -19.73
N GLY A 89 -2.69 -21.78 -21.01
CA GLY A 89 -3.13 -23.10 -21.45
C GLY A 89 -2.07 -24.14 -21.13
N CYS A 90 -2.40 -25.10 -20.23
CA CYS A 90 -1.47 -26.18 -19.87
C CYS A 90 -1.27 -27.09 -21.07
N HIS A 91 -2.36 -27.41 -21.77
CA HIS A 91 -2.32 -28.24 -22.97
C HIS A 91 -2.99 -27.50 -24.15
N GLY A 98 -9.59 -23.89 -22.94
CA GLY A 98 -9.54 -24.22 -24.35
C GLY A 98 -10.42 -25.41 -24.70
N THR A 99 -11.55 -25.58 -23.97
CA THR A 99 -12.59 -26.62 -24.07
C THR A 99 -12.05 -28.03 -23.70
N ASN A 100 -11.05 -28.54 -24.42
CA ASN A 100 -10.49 -29.87 -24.17
C ASN A 100 -9.21 -29.90 -23.35
N LEU A 101 -8.62 -28.73 -23.05
CA LEU A 101 -7.35 -28.65 -22.34
C LEU A 101 -7.39 -28.06 -20.93
N PRO A 102 -6.48 -28.52 -20.06
CA PRO A 102 -6.39 -27.94 -18.70
C PRO A 102 -5.79 -26.53 -18.71
N LEU A 103 -6.25 -25.67 -17.81
CA LEU A 103 -5.83 -24.28 -17.71
C LEU A 103 -5.14 -24.03 -16.40
N GLN A 104 -4.07 -23.22 -16.42
CA GLN A 104 -3.38 -22.83 -15.21
C GLN A 104 -3.81 -21.41 -14.91
N LEU A 105 -4.46 -21.22 -13.79
CA LEU A 105 -5.02 -19.96 -13.31
C LEU A 105 -4.03 -19.37 -12.32
N GLY A 106 -3.49 -18.20 -12.64
CA GLY A 106 -2.50 -17.55 -11.79
C GLY A 106 -3.03 -16.25 -11.25
N PHE A 107 -2.74 -15.97 -9.98
CA PHE A 107 -3.17 -14.76 -9.30
C PHE A 107 -1.96 -14.01 -8.68
N SER A 108 -2.06 -12.66 -8.49
CA SER A 108 -0.93 -11.92 -7.94
C SER A 108 -0.66 -12.22 -6.42
N THR A 109 -1.47 -13.09 -5.80
CA THR A 109 -1.21 -13.61 -4.45
C THR A 109 -0.16 -14.77 -4.48
N GLY A 110 0.31 -15.16 -5.68
CA GLY A 110 1.27 -16.23 -5.90
C GLY A 110 0.65 -17.59 -6.12
N VAL A 111 -0.67 -17.68 -6.04
CA VAL A 111 -1.37 -18.96 -6.21
C VAL A 111 -1.56 -19.37 -7.68
N ASN A 112 -1.29 -20.67 -7.99
CA ASN A 112 -1.57 -21.25 -9.30
C ASN A 112 -2.53 -22.42 -9.10
N LEU A 113 -3.69 -22.38 -9.74
CA LEU A 113 -4.66 -23.47 -9.69
C LEU A 113 -4.75 -24.09 -11.07
N VAL A 114 -4.86 -25.42 -11.16
CA VAL A 114 -5.05 -26.05 -12.47
C VAL A 114 -6.50 -26.53 -12.55
N ALA A 115 -7.25 -26.03 -13.55
CA ALA A 115 -8.64 -26.40 -13.77
C ALA A 115 -8.75 -27.33 -14.96
N VAL A 116 -9.33 -28.52 -14.75
CA VAL A 116 -9.53 -29.47 -15.85
C VAL A 116 -10.99 -29.45 -16.29
N PRO A 117 -11.24 -29.48 -17.61
CA PRO A 117 -12.63 -29.45 -18.08
C PRO A 117 -13.41 -30.75 -17.83
N THR A 118 -12.69 -31.87 -17.62
CA THR A 118 -13.15 -33.24 -17.36
C THR A 118 -14.67 -33.47 -17.46
N LEU A 148 2.91 -21.03 -5.34
CA LEU A 148 2.23 -22.25 -4.91
C LEU A 148 1.57 -22.93 -6.12
N MET A 149 1.87 -24.23 -6.32
CA MET A 149 1.38 -25.02 -7.46
C MET A 149 0.39 -26.10 -7.06
N TYR A 150 -0.88 -25.99 -7.50
CA TYR A 150 -1.88 -27.00 -7.18
C TYR A 150 -2.18 -27.91 -8.38
N LYS A 151 -2.40 -29.21 -8.12
CA LYS A 151 -2.71 -30.21 -9.17
C LYS A 151 -4.11 -30.00 -9.73
N GLY A 152 -4.31 -30.47 -10.97
CA GLY A 152 -5.55 -30.34 -11.74
C GLY A 152 -6.83 -30.85 -11.09
N LEU A 153 -7.87 -30.00 -11.06
CA LEU A 153 -9.16 -30.30 -10.44
C LEU A 153 -10.30 -29.69 -11.25
N PRO A 154 -11.51 -30.28 -11.24
CA PRO A 154 -12.61 -29.69 -11.99
C PRO A 154 -13.02 -28.31 -11.50
N TRP A 155 -13.63 -27.52 -12.39
CA TRP A 155 -14.08 -26.16 -12.07
C TRP A 155 -14.95 -26.00 -10.82
N ASN A 156 -15.85 -26.97 -10.54
CA ASN A 156 -16.74 -26.88 -9.39
C ASN A 156 -15.99 -26.81 -8.05
N VAL A 157 -14.75 -27.32 -8.00
CA VAL A 157 -13.98 -27.21 -6.75
C VAL A 157 -12.97 -26.04 -6.84
N VAL A 158 -12.46 -25.74 -8.05
CA VAL A 158 -11.55 -24.61 -8.30
C VAL A 158 -12.24 -23.29 -7.91
N ARG A 159 -13.51 -23.12 -8.31
CA ARG A 159 -14.27 -21.92 -7.99
C ARG A 159 -14.41 -21.70 -6.46
N ILE A 160 -14.54 -22.77 -5.66
CA ILE A 160 -14.60 -22.66 -4.20
C ILE A 160 -13.26 -22.08 -3.67
N LYS A 161 -12.11 -22.57 -4.18
CA LYS A 161 -10.79 -22.09 -3.78
C LYS A 161 -10.61 -20.62 -4.14
N ILE A 162 -11.07 -20.22 -5.35
CA ILE A 162 -10.98 -18.84 -5.81
C ILE A 162 -11.72 -17.90 -4.84
N VAL A 163 -12.98 -18.22 -4.51
CA VAL A 163 -13.75 -17.41 -3.58
C VAL A 163 -13.04 -17.31 -2.19
N GLN A 164 -12.54 -18.42 -1.62
CA GLN A 164 -11.83 -18.41 -0.33
C GLN A 164 -10.58 -17.49 -0.42
N MET A 165 -9.74 -17.69 -1.45
CA MET A 165 -8.51 -16.92 -1.61
C MET A 165 -8.79 -15.42 -1.72
N LEU A 166 -9.73 -15.01 -2.62
CA LEU A 166 -10.10 -13.59 -2.77
C LEU A 166 -10.66 -13.01 -1.48
N SER A 167 -11.61 -13.73 -0.83
CA SER A 167 -12.21 -13.26 0.41
C SER A 167 -11.14 -13.04 1.52
N ASP A 168 -10.18 -13.97 1.66
CA ASP A 168 -9.14 -13.82 2.70
C ASP A 168 -8.15 -12.72 2.37
N THR A 169 -7.88 -12.51 1.06
CA THR A 169 -6.93 -11.48 0.66
C THR A 169 -7.56 -10.10 0.76
N LEU A 170 -8.85 -9.98 0.42
CA LEU A 170 -9.50 -8.69 0.27
C LEU A 170 -10.42 -8.21 1.38
N LYS A 171 -10.88 -9.08 2.29
CA LYS A 171 -11.86 -8.65 3.30
C LYS A 171 -11.42 -7.41 4.12
N ASN A 172 -10.15 -7.28 4.43
CA ASN A 172 -9.67 -6.13 5.20
C ASN A 172 -9.08 -5.02 4.31
N LEU A 173 -9.25 -5.10 2.98
CA LEU A 173 -8.70 -4.10 2.08
C LEU A 173 -9.75 -3.33 1.34
N SER A 174 -10.79 -4.01 0.81
CA SER A 174 -11.71 -3.40 -0.13
C SER A 174 -13.13 -4.00 -0.16
N ASP A 175 -14.10 -3.25 -0.73
CA ASP A 175 -15.46 -3.76 -0.92
C ASP A 175 -15.61 -4.51 -2.26
N ARG A 176 -14.52 -4.72 -3.02
CA ARG A 176 -14.62 -5.35 -4.34
C ARG A 176 -13.32 -6.04 -4.74
N VAL A 177 -13.30 -6.58 -5.97
CA VAL A 177 -12.11 -7.11 -6.63
C VAL A 177 -12.03 -6.46 -7.99
N VAL A 178 -10.78 -6.09 -8.40
CA VAL A 178 -10.46 -5.56 -9.72
C VAL A 178 -9.40 -6.50 -10.30
N PHE A 179 -9.80 -7.39 -11.22
CA PHE A 179 -8.84 -8.27 -11.89
C PHE A 179 -8.01 -7.44 -12.88
N VAL A 180 -6.71 -7.38 -12.63
CA VAL A 180 -5.77 -6.65 -13.45
C VAL A 180 -5.21 -7.63 -14.45
N LEU A 181 -5.52 -7.40 -15.72
CA LEU A 181 -5.13 -8.33 -16.77
C LEU A 181 -4.13 -7.77 -17.81
N TRP A 182 -3.46 -8.68 -18.52
CA TRP A 182 -2.67 -8.39 -19.72
C TRP A 182 -3.31 -9.42 -20.66
N ALA A 183 -4.53 -9.08 -21.09
CA ALA A 183 -5.45 -9.99 -21.74
C ALA A 183 -4.98 -10.58 -23.04
N HIS A 184 -4.97 -11.90 -23.10
CA HIS A 184 -4.65 -12.61 -24.33
C HIS A 184 -5.79 -13.57 -24.79
N GLY A 185 -6.86 -13.72 -24.01
CA GLY A 185 -8.01 -14.52 -24.43
C GLY A 185 -8.52 -15.53 -23.42
N PHE A 186 -7.68 -16.52 -23.05
CA PHE A 186 -8.07 -17.58 -22.12
C PHE A 186 -8.55 -17.07 -20.74
N GLU A 187 -7.99 -15.95 -20.23
CA GLU A 187 -8.44 -15.44 -18.92
C GLU A 187 -9.87 -14.89 -19.01
N LEU A 188 -10.23 -14.27 -20.14
CA LEU A 188 -11.57 -13.72 -20.33
C LEU A 188 -12.60 -14.82 -20.53
N THR A 189 -12.24 -15.84 -21.33
CA THR A 189 -13.15 -16.96 -21.57
C THR A 189 -13.25 -17.93 -20.37
N SER A 190 -12.36 -17.79 -19.36
CA SER A 190 -12.46 -18.64 -18.18
C SER A 190 -13.37 -18.04 -17.10
N MET A 191 -13.69 -16.73 -17.18
CA MET A 191 -14.47 -16.06 -16.16
C MET A 191 -15.87 -16.64 -15.97
N LYS A 192 -16.50 -17.11 -17.04
CA LYS A 192 -17.82 -17.73 -16.95
C LYS A 192 -17.86 -18.94 -16.00
N TYR A 193 -16.69 -19.57 -15.73
CA TYR A 193 -16.64 -20.73 -14.86
C TYR A 193 -16.57 -20.42 -13.38
N PHE A 194 -16.42 -19.15 -12.98
CA PHE A 194 -16.33 -18.81 -11.55
C PHE A 194 -16.94 -17.45 -11.21
N VAL A 195 -17.49 -16.75 -12.20
CA VAL A 195 -18.07 -15.42 -12.04
C VAL A 195 -19.55 -15.44 -12.42
N LYS A 196 -20.37 -14.79 -11.57
CA LYS A 196 -21.78 -14.56 -11.84
C LYS A 196 -21.97 -13.03 -11.75
N ILE A 197 -22.82 -12.49 -12.61
CA ILE A 197 -23.09 -11.06 -12.60
C ILE A 197 -24.59 -10.79 -12.45
N GLY A 198 -24.93 -9.58 -12.07
CA GLY A 198 -26.31 -9.18 -11.93
C GLY A 198 -26.40 -7.80 -11.32
N PRO A 199 -27.56 -7.46 -10.77
CA PRO A 199 -27.70 -6.16 -10.10
C PRO A 199 -26.81 -6.06 -8.86
N GLU A 200 -26.47 -4.83 -8.43
CA GLU A 200 -25.70 -4.64 -7.22
C GLU A 200 -26.55 -5.10 -6.03
N ARG A 201 -25.97 -5.89 -5.16
CA ARG A 201 -26.67 -6.48 -4.04
C ARG A 201 -25.95 -6.23 -2.73
N THR A 202 -26.65 -6.48 -1.60
CA THR A 202 -26.00 -6.40 -0.30
C THR A 202 -25.81 -7.81 0.27
N CYS A 203 -24.90 -7.93 1.23
CA CYS A 203 -24.57 -9.17 1.92
C CYS A 203 -25.80 -9.71 2.70
N CYS A 204 -25.90 -11.05 2.83
CA CYS A 204 -27.01 -11.65 3.57
C CYS A 204 -26.84 -11.47 5.09
N LEU A 205 -25.60 -11.35 5.58
CA LEU A 205 -25.32 -11.20 7.01
C LEU A 205 -24.94 -9.77 7.45
N CYS A 206 -24.72 -8.83 6.50
CA CYS A 206 -24.36 -7.45 6.88
C CYS A 206 -24.77 -6.41 5.79
N ASP A 207 -24.40 -5.12 6.00
CA ASP A 207 -24.73 -4.03 5.10
C ASP A 207 -23.74 -3.82 3.95
N ARG A 208 -22.63 -4.57 3.91
CA ARG A 208 -21.65 -4.40 2.82
C ARG A 208 -22.15 -4.91 1.47
N ARG A 209 -21.59 -4.39 0.37
CA ARG A 209 -22.00 -4.85 -0.96
C ARG A 209 -21.54 -6.32 -1.15
N ALA A 210 -22.33 -7.07 -1.91
CA ALA A 210 -22.06 -8.46 -2.16
C ALA A 210 -20.90 -8.63 -3.14
N THR A 211 -20.04 -9.58 -2.84
CA THR A 211 -18.90 -9.92 -3.69
C THR A 211 -18.85 -11.39 -4.10
N CYS A 212 -19.71 -12.22 -3.51
CA CYS A 212 -19.75 -13.65 -3.69
C CYS A 212 -21.20 -14.13 -3.77
N PHE A 213 -21.42 -15.26 -4.44
CA PHE A 213 -22.71 -15.88 -4.55
C PHE A 213 -22.55 -17.36 -4.23
N SER A 214 -23.59 -17.96 -3.63
CA SER A 214 -23.58 -19.37 -3.35
C SER A 214 -24.70 -20.07 -4.10
N THR A 215 -24.40 -21.08 -4.92
CA THR A 215 -25.44 -21.86 -5.60
C THR A 215 -26.12 -22.82 -4.62
N ALA A 216 -25.43 -23.21 -3.52
CA ALA A 216 -25.98 -24.13 -2.53
C ALA A 216 -27.16 -23.47 -1.80
N SER A 217 -27.00 -22.22 -1.35
CA SER A 217 -28.06 -21.53 -0.63
C SER A 217 -28.83 -20.49 -1.44
N ASP A 218 -28.39 -20.17 -2.66
CA ASP A 218 -29.03 -19.10 -3.45
C ASP A 218 -28.91 -17.73 -2.75
N THR A 219 -27.81 -17.50 -2.01
CA THR A 219 -27.60 -16.26 -1.27
C THR A 219 -26.30 -15.51 -1.71
N TYR A 220 -26.13 -14.27 -1.22
CA TYR A 220 -25.03 -13.37 -1.52
C TYR A 220 -24.30 -12.98 -0.26
N ALA A 221 -23.00 -12.72 -0.36
CA ALA A 221 -22.20 -12.34 0.77
C ALA A 221 -21.06 -11.40 0.40
N CYS A 222 -20.59 -10.61 1.37
CA CYS A 222 -19.40 -9.78 1.19
C CYS A 222 -18.16 -10.70 1.39
N TRP A 223 -16.92 -10.12 1.34
CA TRP A 223 -15.72 -10.93 1.54
C TRP A 223 -15.65 -11.48 2.98
N HIS A 224 -16.23 -10.78 3.98
CA HIS A 224 -16.18 -11.25 5.38
C HIS A 224 -17.14 -12.41 5.69
N HIS A 225 -18.17 -12.66 4.85
CA HIS A 225 -19.20 -13.67 5.18
C HIS A 225 -19.41 -14.72 4.13
N SER A 226 -18.42 -14.94 3.28
CA SER A 226 -18.53 -15.83 2.13
C SER A 226 -18.03 -17.25 2.32
N ILE A 227 -17.79 -17.72 3.56
CA ILE A 227 -17.29 -19.09 3.78
C ILE A 227 -18.24 -20.12 3.16
N GLY A 228 -17.71 -20.99 2.30
CA GLY A 228 -18.56 -21.97 1.61
C GLY A 228 -19.18 -21.48 0.30
N PHE A 229 -18.94 -20.21 -0.07
CA PHE A 229 -19.50 -19.66 -1.32
C PHE A 229 -18.67 -20.13 -2.53
N ASP A 230 -19.33 -20.28 -3.70
CA ASP A 230 -18.67 -20.83 -4.88
C ASP A 230 -18.51 -19.89 -6.08
N TYR A 231 -19.21 -18.75 -6.12
CA TYR A 231 -19.05 -17.82 -7.24
C TYR A 231 -18.60 -16.44 -6.84
N VAL A 232 -17.70 -15.83 -7.62
CA VAL A 232 -17.31 -14.45 -7.42
C VAL A 232 -18.48 -13.67 -8.05
N TYR A 233 -19.02 -12.70 -7.34
CA TYR A 233 -20.17 -11.93 -7.81
C TYR A 233 -19.83 -10.46 -8.13
N ASN A 234 -20.20 -9.99 -9.33
CA ASN A 234 -19.95 -8.62 -9.81
C ASN A 234 -18.48 -8.14 -9.64
N PRO A 235 -17.49 -8.94 -10.10
CA PRO A 235 -16.11 -8.47 -10.05
C PRO A 235 -15.90 -7.36 -11.09
N PHE A 236 -14.79 -6.64 -10.97
CA PHE A 236 -14.40 -5.62 -11.94
C PHE A 236 -13.07 -6.06 -12.55
N MET A 237 -12.73 -5.49 -13.69
CA MET A 237 -11.51 -5.86 -14.39
C MET A 237 -11.01 -4.76 -15.29
N ILE A 238 -9.72 -4.77 -15.57
CA ILE A 238 -9.10 -3.80 -16.45
C ILE A 238 -8.02 -4.48 -17.25
N ASP A 239 -8.02 -4.26 -18.57
CA ASP A 239 -7.00 -4.85 -19.44
C ASP A 239 -5.90 -3.81 -19.65
N VAL A 240 -4.73 -3.99 -18.99
CA VAL A 240 -3.56 -3.12 -19.11
C VAL A 240 -3.10 -2.98 -20.56
N GLN A 241 -3.23 -4.04 -21.34
CA GLN A 241 -2.89 -4.07 -22.75
C GLN A 241 -3.71 -3.01 -23.57
N GLN A 242 -4.77 -2.42 -23.02
CA GLN A 242 -5.54 -1.36 -23.70
C GLN A 242 -4.89 0.03 -23.58
N TRP A 243 -3.89 0.19 -22.70
CA TRP A 243 -3.29 1.47 -22.40
C TRP A 243 -2.26 1.98 -23.45
N GLY A 244 -1.90 1.14 -24.40
CA GLY A 244 -1.01 1.55 -25.49
C GLY A 244 0.44 1.21 -25.25
N PHE A 245 0.77 -0.07 -25.35
CA PHE A 245 2.11 -0.56 -25.13
C PHE A 245 2.64 -1.25 -26.38
N THR A 246 3.95 -1.22 -26.53
CA THR A 246 4.63 -1.92 -27.60
C THR A 246 5.35 -3.09 -26.96
N GLY A 247 5.21 -4.26 -27.57
CA GLY A 247 5.86 -5.45 -27.04
C GLY A 247 5.07 -6.16 -25.96
N ASN A 248 5.58 -7.30 -25.55
CA ASN A 248 4.92 -8.17 -24.59
C ASN A 248 5.01 -7.69 -23.12
N LEU A 249 4.30 -8.37 -22.23
CA LEU A 249 4.27 -8.06 -20.80
C LEU A 249 5.68 -8.04 -20.19
N GLN A 250 6.46 -9.12 -20.33
CA GLN A 250 7.79 -9.19 -19.70
C GLN A 250 8.72 -8.03 -20.13
N SER A 251 8.73 -7.67 -21.42
CA SER A 251 9.58 -6.57 -21.89
C SER A 251 9.17 -5.21 -21.31
N ASN A 252 7.87 -4.98 -21.09
CA ASN A 252 7.41 -3.72 -20.50
C ASN A 252 7.62 -3.71 -18.98
N HIS A 253 7.32 -4.81 -18.30
CA HIS A 253 7.52 -4.92 -16.86
C HIS A 253 9.02 -4.79 -16.50
N ASP A 254 9.91 -5.47 -17.26
CA ASP A 254 11.35 -5.48 -16.97
C ASP A 254 12.05 -4.15 -17.18
N LEU A 255 11.44 -3.20 -17.90
CA LEU A 255 11.98 -1.86 -18.07
C LEU A 255 12.08 -1.10 -16.73
N TYR A 256 11.19 -1.43 -15.77
CA TYR A 256 11.04 -0.74 -14.49
C TYR A 256 11.25 -1.61 -13.26
N CYS A 257 11.38 -2.94 -13.42
CA CYS A 257 11.43 -3.82 -12.25
C CYS A 257 12.33 -5.03 -12.45
N GLN A 258 13.19 -5.27 -11.46
CA GLN A 258 14.13 -6.41 -11.43
C GLN A 258 13.81 -7.43 -10.31
N VAL A 259 12.84 -7.12 -9.44
CA VAL A 259 12.48 -7.97 -8.32
C VAL A 259 11.58 -9.13 -8.73
N HIS A 260 10.67 -8.91 -9.69
CA HIS A 260 9.81 -9.98 -10.17
C HIS A 260 10.43 -10.59 -11.40
N GLY A 261 10.60 -11.90 -11.38
CA GLY A 261 11.14 -12.62 -12.52
C GLY A 261 10.06 -13.37 -13.27
N ASN A 262 10.45 -14.19 -14.26
CA ASN A 262 9.47 -14.99 -14.97
C ASN A 262 9.74 -16.46 -14.79
N ALA A 263 9.27 -17.06 -13.67
CA ALA A 263 9.45 -18.49 -13.48
C ALA A 263 8.60 -19.32 -14.47
N HIS A 264 7.96 -18.65 -15.46
CA HIS A 264 7.14 -19.17 -16.55
C HIS A 264 5.82 -19.82 -16.10
N VAL A 265 5.30 -19.39 -14.93
CA VAL A 265 3.99 -19.84 -14.46
C VAL A 265 3.00 -18.66 -14.52
N ALA A 266 1.71 -18.97 -14.51
CA ALA A 266 0.66 -17.96 -14.60
C ALA A 266 0.69 -16.91 -13.50
N SER A 267 0.99 -17.31 -12.24
CA SER A 267 1.04 -16.36 -11.13
C SER A 267 2.15 -15.33 -11.33
N CYS A 268 3.29 -15.71 -11.97
CA CYS A 268 4.38 -14.80 -12.28
C CYS A 268 3.91 -13.70 -13.23
N ASP A 269 3.13 -14.08 -14.26
CA ASP A 269 2.57 -13.11 -15.18
C ASP A 269 1.57 -12.19 -14.47
N ALA A 270 0.74 -12.78 -13.56
CA ALA A 270 -0.28 -12.04 -12.79
C ALA A 270 0.40 -10.96 -11.91
N ILE A 271 1.47 -11.34 -11.20
CA ILE A 271 2.28 -10.44 -10.35
C ILE A 271 2.91 -9.33 -11.24
N MET A 272 3.50 -9.71 -12.37
CA MET A 272 4.12 -8.75 -13.30
C MET A 272 3.11 -7.72 -13.85
N THR A 273 1.87 -8.18 -14.14
CA THR A 273 0.79 -7.37 -14.72
C THR A 273 0.36 -6.30 -13.72
N ARG A 274 0.09 -6.73 -12.48
CA ARG A 274 -0.28 -5.80 -11.40
C ARG A 274 0.92 -4.83 -11.14
N CYS A 275 2.16 -5.33 -11.17
CA CYS A 275 3.35 -4.49 -10.95
C CYS A 275 3.47 -3.40 -12.02
N LEU A 276 3.25 -3.77 -13.29
CA LEU A 276 3.31 -2.81 -14.38
C LEU A 276 2.21 -1.77 -14.22
N ALA A 277 1.00 -2.22 -13.79
CA ALA A 277 -0.13 -1.34 -13.56
C ALA A 277 0.15 -0.35 -12.43
N VAL A 278 0.76 -0.82 -11.32
CA VAL A 278 1.12 0.06 -10.21
C VAL A 278 2.20 1.06 -10.70
N HIS A 279 3.19 0.60 -11.48
CA HIS A 279 4.22 1.50 -12.05
C HIS A 279 3.61 2.66 -12.83
N GLU A 280 2.68 2.34 -13.76
CA GLU A 280 2.04 3.32 -14.60
C GLU A 280 1.15 4.28 -13.84
N CYS A 281 0.49 3.79 -12.79
CA CYS A 281 -0.50 4.59 -12.09
C CYS A 281 0.00 5.30 -10.86
N PHE A 282 1.11 4.84 -10.25
CA PHE A 282 1.62 5.40 -8.99
C PHE A 282 3.10 5.75 -8.98
N VAL A 283 3.86 5.28 -9.98
CA VAL A 283 5.29 5.58 -10.02
C VAL A 283 5.56 6.74 -10.97
N LYS A 284 5.29 6.58 -12.27
CA LYS A 284 5.50 7.66 -13.23
C LYS A 284 4.43 8.72 -13.03
N ARG A 285 3.15 8.33 -13.03
CA ARG A 285 2.04 9.24 -12.77
C ARG A 285 1.76 9.23 -11.26
N VAL A 286 1.61 10.39 -10.61
CA VAL A 286 1.30 10.45 -9.18
C VAL A 286 0.11 11.37 -8.97
N ASP A 287 -0.94 10.88 -8.29
CA ASP A 287 -2.11 11.71 -8.02
C ASP A 287 -2.44 11.78 -6.53
N TRP A 288 -2.05 12.87 -5.87
CA TRP A 288 -2.34 13.05 -4.45
C TRP A 288 -3.71 13.71 -4.17
N THR A 289 -4.51 14.00 -5.20
CA THR A 289 -5.85 14.54 -5.01
C THR A 289 -6.84 13.42 -4.60
N ILE A 290 -6.55 12.16 -5.01
CA ILE A 290 -7.38 11.01 -4.69
C ILE A 290 -7.26 10.63 -3.23
N GLU A 291 -8.40 10.58 -2.56
CA GLU A 291 -8.53 10.19 -1.16
C GLU A 291 -8.97 8.72 -1.10
N TYR A 292 -8.55 7.98 -0.07
CA TYR A 292 -8.92 6.58 0.08
C TYR A 292 -9.61 6.36 1.43
N PRO A 293 -10.61 5.49 1.48
CA PRO A 293 -11.33 5.27 2.74
C PRO A 293 -10.49 4.75 3.91
N ILE A 294 -10.99 4.98 5.14
CA ILE A 294 -10.33 4.47 6.33
C ILE A 294 -10.69 3.01 6.47
N ILE A 295 -9.71 2.11 6.46
CA ILE A 295 -9.94 0.67 6.61
C ILE A 295 -9.26 0.05 7.85
N GLY A 296 -8.47 0.84 8.58
CA GLY A 296 -7.71 0.37 9.72
C GLY A 296 -7.36 1.44 10.72
N ASP A 297 -6.08 1.46 11.14
CA ASP A 297 -5.57 2.35 12.18
C ASP A 297 -4.99 3.65 11.65
N GLU A 298 -5.42 4.10 10.45
CA GLU A 298 -4.92 5.32 9.82
C GLU A 298 -4.82 6.53 10.78
N LEU A 299 -5.92 6.87 11.44
CA LEU A 299 -5.95 8.04 12.30
C LEU A 299 -5.01 7.97 13.47
N LYS A 300 -4.95 6.81 14.14
CA LYS A 300 -4.07 6.59 15.27
C LYS A 300 -2.61 6.62 14.84
N ILE A 301 -2.29 6.02 13.66
CA ILE A 301 -0.93 5.97 13.12
C ILE A 301 -0.47 7.38 12.80
N ASN A 302 -1.32 8.16 12.12
CA ASN A 302 -0.95 9.52 11.74
C ASN A 302 -0.74 10.40 12.98
N ALA A 303 -1.64 10.29 13.96
CA ALA A 303 -1.52 11.02 15.23
C ALA A 303 -0.24 10.63 15.98
N ALA A 304 0.09 9.33 15.97
CA ALA A 304 1.28 8.78 16.61
C ALA A 304 2.53 9.34 15.94
N CYS A 305 2.54 9.42 14.60
CA CYS A 305 3.64 9.97 13.83
C CYS A 305 3.90 11.41 14.20
N ARG A 306 2.83 12.21 14.39
CA ARG A 306 3.00 13.62 14.78
C ARG A 306 3.54 13.72 16.23
N LYS A 307 3.13 12.81 17.11
CA LYS A 307 3.59 12.85 18.50
C LYS A 307 5.05 12.46 18.60
N VAL A 308 5.48 11.45 17.85
CA VAL A 308 6.86 10.95 17.89
C VAL A 308 7.81 11.97 17.28
N GLN A 309 7.41 12.60 16.18
CA GLN A 309 8.23 13.62 15.51
C GLN A 309 8.52 14.78 16.45
N HIS A 310 7.47 15.29 17.11
CA HIS A 310 7.62 16.40 18.05
C HIS A 310 8.53 15.97 19.22
N MET A 311 8.34 14.77 19.75
CA MET A 311 9.14 14.27 20.89
C MET A 311 10.62 14.16 20.53
N VAL A 312 10.92 13.53 19.41
CA VAL A 312 12.27 13.26 18.99
C VAL A 312 13.02 14.53 18.58
N VAL A 313 12.37 15.41 17.82
CA VAL A 313 13.01 16.64 17.38
C VAL A 313 13.24 17.56 18.59
N LYS A 314 12.22 17.66 19.47
CA LYS A 314 12.35 18.49 20.67
C LYS A 314 13.52 18.01 21.55
N ALA A 315 13.65 16.69 21.75
CA ALA A 315 14.74 16.15 22.56
C ALA A 315 16.09 16.31 21.90
N ALA A 316 16.18 16.18 20.57
CA ALA A 316 17.47 16.35 19.88
C ALA A 316 17.97 17.80 20.05
N LEU A 317 17.05 18.76 19.90
CA LEU A 317 17.42 20.17 20.03
C LEU A 317 17.85 20.48 21.47
N LEU A 318 17.16 19.93 22.47
CA LEU A 318 17.53 20.13 23.88
C LEU A 318 18.86 19.46 24.21
N ALA A 319 19.08 18.23 23.71
CA ALA A 319 20.28 17.48 24.05
C ALA A 319 21.56 18.02 23.39
N ASP A 320 21.49 18.50 22.12
CA ASP A 320 22.69 18.95 21.44
C ASP A 320 22.71 20.43 21.06
N LYS A 321 21.65 21.18 21.38
CA LYS A 321 21.56 22.62 21.15
C LYS A 321 21.99 23.08 19.76
N PHE A 322 21.47 22.43 18.71
CA PHE A 322 21.80 22.81 17.34
C PHE A 322 21.33 24.21 17.07
N PRO A 323 22.17 25.08 16.50
CA PRO A 323 21.71 26.44 16.17
C PRO A 323 20.78 26.50 14.95
N VAL A 324 20.87 25.51 14.05
CA VAL A 324 20.05 25.48 12.83
C VAL A 324 19.51 24.06 12.57
N LEU A 325 18.26 23.96 12.09
CA LEU A 325 17.64 22.73 11.66
C LEU A 325 17.25 22.88 10.16
N HIS A 326 17.70 21.93 9.33
CA HIS A 326 17.38 21.89 7.90
C HIS A 326 16.27 20.86 7.74
N ASP A 327 15.06 21.31 7.50
CA ASP A 327 13.90 20.42 7.41
C ASP A 327 13.70 20.09 5.94
N ILE A 328 14.14 18.89 5.52
CA ILE A 328 14.04 18.50 4.11
C ILE A 328 12.90 17.52 3.82
N GLY A 329 11.98 17.93 2.97
CA GLY A 329 10.86 17.07 2.61
C GLY A 329 9.61 17.81 2.22
N ASN A 330 8.44 17.24 2.57
CA ASN A 330 7.12 17.75 2.22
C ASN A 330 7.00 19.28 2.18
N PRO A 331 6.73 19.87 1.01
CA PRO A 331 6.62 21.33 0.93
C PRO A 331 5.50 21.93 1.78
N LYS A 332 4.59 21.10 2.29
CA LYS A 332 3.54 21.57 3.18
C LYS A 332 3.90 21.36 4.67
N ALA A 333 5.19 21.16 4.99
CA ALA A 333 5.62 20.93 6.37
C ALA A 333 5.50 22.16 7.22
N ILE A 334 5.20 21.92 8.49
CA ILE A 334 5.02 22.90 9.54
C ILE A 334 6.10 22.60 10.61
N LYS A 335 6.61 23.63 11.35
CA LYS A 335 7.57 23.43 12.43
C LYS A 335 6.97 22.47 13.48
N CYS A 336 7.58 21.28 13.65
CA CYS A 336 7.03 20.30 14.60
C CYS A 336 7.32 20.67 16.05
N VAL A 337 8.30 21.56 16.32
CA VAL A 337 8.60 22.06 17.66
C VAL A 337 8.55 23.59 17.58
N PRO A 338 7.33 24.18 17.57
CA PRO A 338 7.21 25.64 17.38
C PRO A 338 7.86 26.52 18.44
N GLN A 339 7.98 26.03 19.69
CA GLN A 339 8.58 26.84 20.75
C GLN A 339 10.12 26.77 20.78
N ALA A 340 10.76 25.92 19.96
CA ALA A 340 12.22 25.80 19.94
C ALA A 340 12.92 27.07 19.45
N ASP A 341 14.06 27.41 20.08
CA ASP A 341 14.84 28.61 19.78
C ASP A 341 15.47 28.61 18.39
N VAL A 342 15.81 27.41 17.89
CA VAL A 342 16.50 27.09 16.66
C VAL A 342 16.04 27.85 15.39
N GLU A 343 16.99 28.11 14.49
CA GLU A 343 16.70 28.70 13.19
C GLU A 343 16.16 27.55 12.33
N TRP A 344 14.87 27.57 12.02
CA TRP A 344 14.24 26.51 11.24
C TRP A 344 14.21 26.88 9.75
N LYS A 345 14.87 26.09 8.90
CA LYS A 345 14.90 26.36 7.44
C LYS A 345 14.31 25.16 6.71
N PHE A 346 13.40 25.42 5.77
CA PHE A 346 12.69 24.38 5.00
C PHE A 346 13.19 24.24 3.57
N TYR A 347 13.17 22.99 3.07
CA TYR A 347 13.59 22.64 1.72
C TYR A 347 12.52 21.71 1.18
N ASP A 348 11.97 22.04 0.00
CA ASP A 348 10.86 21.31 -0.62
C ASP A 348 11.30 20.10 -1.42
N ALA A 349 10.74 18.96 -1.07
CA ALA A 349 10.90 17.72 -1.80
C ALA A 349 9.66 16.88 -1.57
N GLN A 350 8.94 16.61 -2.64
CA GLN A 350 7.78 15.76 -2.62
C GLN A 350 8.20 14.32 -2.32
N PRO A 351 7.30 13.49 -1.77
CA PRO A 351 7.66 12.08 -1.51
C PRO A 351 8.06 11.36 -2.80
N CYS A 352 9.33 10.97 -2.93
CA CYS A 352 9.79 10.25 -4.13
C CYS A 352 9.07 8.91 -4.26
N SER A 353 8.54 8.63 -5.43
CA SER A 353 7.81 7.39 -5.67
C SER A 353 8.58 6.38 -6.55
N ASP A 354 9.68 6.81 -7.17
CA ASP A 354 10.43 5.94 -8.07
C ASP A 354 11.69 5.46 -7.35
N LYS A 355 12.80 6.19 -7.46
CA LYS A 355 14.01 5.86 -6.75
C LYS A 355 14.20 6.87 -5.63
N ALA A 356 14.91 6.48 -4.55
CA ALA A 356 15.26 7.39 -3.45
C ALA A 356 16.08 8.57 -4.01
N TYR A 357 15.88 9.77 -3.45
CA TYR A 357 16.64 10.95 -3.89
C TYR A 357 18.13 10.75 -3.68
N LYS A 358 18.96 11.30 -4.58
CA LYS A 358 20.40 11.25 -4.37
C LYS A 358 20.69 12.45 -3.47
N ILE A 359 21.35 12.25 -2.32
CA ILE A 359 21.70 13.35 -1.41
C ILE A 359 22.52 14.45 -2.15
N GLU A 360 23.30 14.05 -3.17
CA GLU A 360 24.09 15.01 -3.92
C GLU A 360 23.19 15.97 -4.72
N GLU A 361 22.04 15.50 -5.22
CA GLU A 361 21.13 16.38 -5.96
C GLU A 361 20.31 17.28 -4.99
N LEU A 362 19.88 16.75 -3.84
CA LEU A 362 19.13 17.54 -2.86
C LEU A 362 19.98 18.65 -2.25
N PHE A 363 21.27 18.37 -1.99
CA PHE A 363 22.15 19.31 -1.29
C PHE A 363 23.10 20.10 -2.15
N TYR A 364 23.44 19.62 -3.35
CA TYR A 364 24.43 20.31 -4.17
C TYR A 364 23.87 20.82 -5.49
N SER A 365 24.52 21.87 -6.02
CA SER A 365 24.26 22.66 -7.22
C SER A 365 23.97 24.14 -6.88
N TYR A 366 24.54 24.62 -5.75
CA TYR A 366 24.45 25.97 -5.20
C TYR A 366 23.02 26.51 -5.09
N HIS A 369 18.53 29.03 1.59
CA HIS A 369 19.29 27.95 2.22
C HIS A 369 20.48 28.49 2.95
N SER A 370 20.79 27.90 4.12
CA SER A 370 22.03 28.24 4.82
C SER A 370 23.25 27.81 3.93
N ASP A 371 23.01 26.86 2.96
CA ASP A 371 23.94 26.23 2.03
C ASP A 371 24.74 25.15 2.78
N LYS A 372 25.16 25.47 4.02
CA LYS A 372 25.90 24.55 4.85
C LYS A 372 24.95 23.60 5.60
N PHE A 373 24.58 22.49 4.94
CA PHE A 373 23.76 21.44 5.58
C PHE A 373 24.55 20.71 6.68
N THR A 374 25.89 20.87 6.72
CA THR A 374 26.80 20.36 7.73
C THR A 374 26.65 21.12 9.07
N ASP A 375 26.09 22.34 9.05
CA ASP A 375 25.84 23.11 10.27
C ASP A 375 24.55 22.58 10.89
N GLY A 376 24.54 22.43 12.21
CA GLY A 376 23.36 21.96 12.92
C GLY A 376 22.91 20.55 12.55
N VAL A 377 21.60 20.37 12.41
CA VAL A 377 21.01 19.06 12.15
C VAL A 377 20.05 19.06 10.94
N CYS A 378 19.95 17.93 10.26
CA CYS A 378 19.04 17.74 9.14
C CYS A 378 17.88 16.84 9.59
N LEU A 379 16.67 17.24 9.26
CA LEU A 379 15.47 16.45 9.58
C LEU A 379 14.91 15.90 8.27
N PHE A 380 14.88 14.56 8.13
CA PHE A 380 14.33 13.89 6.96
C PHE A 380 13.13 13.06 7.42
N TRP A 381 11.97 13.69 7.57
CA TRP A 381 10.76 12.98 8.02
C TRP A 381 9.99 12.46 6.82
N ASN A 382 10.21 11.17 6.52
CA ASN A 382 9.68 10.48 5.35
C ASN A 382 10.22 11.07 4.04
N CYS A 383 11.47 11.57 4.03
CA CYS A 383 12.07 12.06 2.79
C CYS A 383 13.16 11.04 2.49
N ASN A 384 12.89 10.13 1.55
CA ASN A 384 13.74 8.98 1.29
C ASN A 384 14.97 9.28 0.45
N VAL A 385 16.16 9.29 1.06
CA VAL A 385 17.40 9.58 0.31
C VAL A 385 18.29 8.30 0.21
N ASP A 386 19.25 8.30 -0.73
CA ASP A 386 20.14 7.15 -0.90
C ASP A 386 21.11 6.98 0.32
N ARG A 387 21.59 8.09 0.89
CA ARG A 387 22.52 8.05 2.00
C ARG A 387 22.37 9.29 2.84
N TYR A 388 21.88 9.12 4.05
CA TYR A 388 21.68 10.24 4.96
C TYR A 388 22.98 10.79 5.50
N PRO A 389 23.07 12.13 5.62
CA PRO A 389 24.26 12.70 6.24
C PRO A 389 24.30 12.33 7.74
N ALA A 390 25.51 12.28 8.29
CA ALA A 390 25.73 11.92 9.68
C ALA A 390 24.96 12.79 10.67
N ASN A 391 24.73 14.09 10.34
CA ASN A 391 24.01 14.98 11.28
C ASN A 391 22.48 14.94 11.02
N SER A 392 21.85 13.74 11.01
CA SER A 392 20.43 13.62 10.69
C SER A 392 19.54 13.02 11.75
N ILE A 393 18.25 13.37 11.70
CA ILE A 393 17.10 12.83 12.43
C ILE A 393 16.23 12.29 11.29
N VAL A 394 15.99 10.97 11.27
CA VAL A 394 15.27 10.35 10.15
C VAL A 394 14.11 9.45 10.54
N CYS A 395 13.01 9.57 9.80
CA CYS A 395 11.90 8.64 9.79
C CYS A 395 11.83 8.05 8.37
N ARG A 396 12.05 6.74 8.26
CA ARG A 396 12.01 6.07 6.96
C ARG A 396 11.01 4.90 7.00
N PHE A 397 10.04 4.91 6.08
CA PHE A 397 9.05 3.84 6.00
C PHE A 397 9.72 2.58 5.47
N ASP A 398 9.56 1.47 6.19
CA ASP A 398 10.12 0.18 5.78
C ASP A 398 9.09 -0.47 4.90
N THR A 399 9.39 -0.54 3.60
CA THR A 399 8.52 -1.10 2.58
C THR A 399 8.24 -2.59 2.80
N ARG A 400 9.13 -3.32 3.50
CA ARG A 400 8.94 -4.75 3.72
C ARG A 400 7.83 -5.09 4.71
N VAL A 401 7.29 -4.09 5.44
CA VAL A 401 6.32 -4.35 6.50
C VAL A 401 4.99 -4.94 5.98
N LEU A 402 4.48 -5.97 6.70
CA LEU A 402 3.18 -6.59 6.36
C LEU A 402 2.04 -5.88 7.08
N SER A 403 1.11 -5.30 6.30
CA SER A 403 -0.09 -4.62 6.84
C SER A 403 -1.20 -4.40 5.79
N ASN A 404 -2.42 -4.08 6.24
CA ASN A 404 -3.53 -3.76 5.34
C ASN A 404 -3.34 -2.41 4.63
N LEU A 405 -2.45 -1.54 5.14
CA LEU A 405 -2.18 -0.26 4.50
C LEU A 405 -1.09 -0.35 3.44
N ASN A 406 -0.15 -1.25 3.62
CA ASN A 406 1.01 -1.40 2.74
C ASN A 406 0.80 -2.51 1.71
N LEU A 407 0.59 -2.12 0.46
CA LEU A 407 0.36 -3.05 -0.65
C LEU A 407 1.69 -3.33 -1.38
N PRO A 408 1.85 -4.52 -1.96
CA PRO A 408 3.07 -4.79 -2.75
C PRO A 408 3.23 -3.79 -3.93
N GLY A 409 4.46 -3.34 -4.15
CA GLY A 409 4.74 -2.36 -5.17
C GLY A 409 5.69 -2.80 -6.26
N CYS A 410 6.32 -1.83 -6.92
N CYS A 410 6.34 -1.82 -6.91
CA CYS A 410 7.20 -2.00 -8.07
CA CYS A 410 7.28 -2.03 -8.02
C CYS A 410 8.69 -1.89 -7.72
C CYS A 410 8.70 -1.99 -7.61
N ASP A 411 9.51 -2.83 -8.24
CA ASP A 411 10.94 -2.87 -8.03
C ASP A 411 11.40 -2.88 -6.54
N GLY A 412 10.71 -3.65 -5.72
CA GLY A 412 11.03 -3.73 -4.29
C GLY A 412 10.31 -2.70 -3.44
N GLY A 413 9.79 -1.65 -4.07
CA GLY A 413 9.03 -0.62 -3.39
C GLY A 413 7.66 -1.14 -2.99
N SER A 414 6.91 -0.33 -2.26
CA SER A 414 5.58 -0.71 -1.83
C SER A 414 4.65 0.47 -1.97
N LEU A 415 3.35 0.18 -2.01
CA LEU A 415 2.32 1.18 -2.14
C LEU A 415 1.65 1.40 -0.80
N TYR A 416 2.05 2.45 -0.09
CA TYR A 416 1.49 2.72 1.23
C TYR A 416 0.26 3.58 1.07
N VAL A 417 -0.92 3.02 1.42
CA VAL A 417 -2.17 3.73 1.24
C VAL A 417 -2.79 4.14 2.57
N ASN A 418 -2.71 5.44 2.88
CA ASN A 418 -3.24 5.97 4.14
C ASN A 418 -3.65 7.39 3.80
N LYS A 419 -4.96 7.58 3.60
CA LYS A 419 -5.63 8.80 3.14
C LYS A 419 -5.24 9.03 1.66
N HIS A 420 -3.95 9.02 1.34
CA HIS A 420 -3.46 9.13 -0.01
C HIS A 420 -2.58 7.92 -0.34
N ALA A 421 -2.34 7.67 -1.63
CA ALA A 421 -1.49 6.56 -2.05
C ALA A 421 -0.07 7.05 -2.29
N PHE A 422 0.92 6.45 -1.62
CA PHE A 422 2.31 6.84 -1.78
C PHE A 422 3.17 5.65 -2.18
N HIS A 423 3.61 5.56 -3.45
CA HIS A 423 4.54 4.50 -3.82
C HIS A 423 5.90 4.90 -3.21
N THR A 424 6.55 3.99 -2.48
CA THR A 424 7.76 4.29 -1.71
C THR A 424 8.89 3.40 -2.18
N PRO A 425 10.07 3.98 -2.47
CA PRO A 425 11.19 3.14 -2.93
C PRO A 425 11.64 2.12 -1.90
N ALA A 426 12.14 0.98 -2.37
CA ALA A 426 12.59 -0.13 -1.54
C ALA A 426 13.42 0.30 -0.34
N PHE A 427 13.11 -0.29 0.83
CA PHE A 427 13.86 -0.03 2.05
C PHE A 427 15.32 -0.53 1.83
N ASP A 428 16.29 0.31 2.16
CA ASP A 428 17.69 -0.01 1.94
C ASP A 428 18.47 0.35 3.20
N LYS A 429 18.93 -0.69 3.92
CA LYS A 429 19.70 -0.57 5.18
C LYS A 429 21.00 0.26 5.02
N SER A 430 21.59 0.26 3.83
CA SER A 430 22.81 1.02 3.59
C SER A 430 22.58 2.54 3.59
N ALA A 431 21.32 3.02 3.49
CA ALA A 431 21.06 4.47 3.57
C ALA A 431 21.39 5.03 4.96
N PHE A 432 21.41 4.18 5.98
CA PHE A 432 21.60 4.57 7.38
C PHE A 432 22.99 4.33 7.94
N VAL A 433 24.01 4.13 7.08
CA VAL A 433 25.37 3.84 7.54
C VAL A 433 25.99 4.92 8.44
N ASN A 434 25.66 6.21 8.25
CA ASN A 434 26.22 7.27 9.12
C ASN A 434 25.42 7.50 10.41
N LEU A 435 24.34 6.75 10.63
CA LEU A 435 23.48 6.96 11.78
C LEU A 435 23.33 5.66 12.63
N LYS A 436 22.51 5.73 13.69
CA LYS A 436 22.16 4.55 14.46
C LYS A 436 20.63 4.53 14.64
N GLN A 437 20.07 3.41 15.10
CA GLN A 437 18.66 3.30 15.39
C GLN A 437 18.34 4.21 16.57
N LEU A 438 17.23 4.95 16.49
CA LEU A 438 16.85 5.83 17.57
C LEU A 438 16.23 4.97 18.68
N PRO A 439 16.80 5.00 19.89
CA PRO A 439 16.19 4.21 20.97
C PRO A 439 14.85 4.81 21.42
N PHE A 440 13.97 3.97 22.00
CA PHE A 440 12.73 4.47 22.58
C PHE A 440 13.09 5.26 23.84
N PHE A 441 12.40 6.37 24.04
CA PHE A 441 12.48 7.17 25.25
C PHE A 441 11.24 8.05 25.26
N TYR A 442 10.91 8.57 26.44
CA TYR A 442 9.83 9.54 26.58
C TYR A 442 10.45 10.70 27.36
N TYR A 443 10.28 11.92 26.89
CA TYR A 443 10.80 13.10 27.59
C TYR A 443 9.65 14.06 27.86
N SER A 444 9.64 14.68 29.03
CA SER A 444 8.66 15.71 29.35
C SER A 444 9.17 16.70 30.38
N ASP A 445 9.01 17.98 30.08
CA ASP A 445 9.33 19.06 31.00
C ASP A 445 8.06 19.71 31.59
N SER A 446 6.86 19.14 31.33
CA SER A 446 5.60 19.68 31.84
C SER A 446 5.51 19.45 33.36
N PRO A 447 4.71 20.28 34.08
CA PRO A 447 4.63 20.10 35.54
C PRO A 447 4.02 18.76 35.94
N CYS A 448 4.46 18.25 37.08
CA CYS A 448 3.93 17.02 37.63
C CYS A 448 2.62 17.40 38.31
N GLU A 449 1.51 17.17 37.62
CA GLU A 449 0.18 17.53 38.13
C GLU A 449 -0.85 16.70 37.38
N SER A 450 -1.59 15.85 38.14
CA SER A 450 -2.60 14.91 37.63
C SER A 450 -3.73 15.54 36.76
N HIS A 451 -4.58 16.42 37.35
CA HIS A 451 -5.70 17.06 36.65
C HIS A 451 -6.73 16.08 36.06
N GLY A 452 -7.91 16.03 36.66
CA GLY A 452 -8.99 15.16 36.22
C GLY A 452 -9.02 13.84 36.96
N ILE A 459 -9.92 4.95 34.10
CA ILE A 459 -8.45 5.00 34.12
C ILE A 459 -7.93 4.76 35.54
N ASP A 460 -7.27 3.61 35.77
CA ASP A 460 -6.71 3.31 37.09
C ASP A 460 -5.15 3.32 37.09
N TYR A 461 -4.50 3.10 38.26
CA TYR A 461 -3.04 3.23 38.34
C TYR A 461 -2.28 2.08 39.02
N VAL A 462 -1.10 1.79 38.46
CA VAL A 462 -0.04 0.88 38.92
C VAL A 462 1.25 1.72 38.77
N PRO A 463 2.06 1.87 39.83
CA PRO A 463 3.24 2.76 39.71
C PRO A 463 4.22 2.41 38.60
N LEU A 464 4.62 3.43 37.82
CA LEU A 464 5.57 3.21 36.73
C LEU A 464 7.01 3.26 37.19
N LYS A 465 7.80 2.26 36.80
CA LYS A 465 9.23 2.24 37.02
C LYS A 465 9.85 2.04 35.65
N SER A 466 10.61 3.03 35.16
CA SER A 466 11.25 2.93 33.85
C SER A 466 12.45 3.85 33.76
N ALA A 467 13.57 3.32 33.27
CA ALA A 467 14.78 4.12 33.04
C ALA A 467 14.61 5.12 31.88
N THR A 468 13.60 4.90 31.00
CA THR A 468 13.40 5.76 29.83
C THR A 468 12.30 6.79 29.98
N CYS A 469 11.81 7.04 31.21
CA CYS A 469 10.80 8.06 31.44
C CYS A 469 11.60 9.27 31.91
N ILE A 470 12.01 10.11 30.98
CA ILE A 470 12.88 11.25 31.26
C ILE A 470 12.05 12.45 31.73
N THR A 471 11.78 12.47 33.04
CA THR A 471 10.99 13.51 33.69
C THR A 471 11.64 13.92 35.04
N ARG A 472 11.26 15.10 35.53
CA ARG A 472 11.70 15.66 36.80
C ARG A 472 11.40 14.72 37.95
N CYS A 473 10.19 14.09 37.94
CA CYS A 473 9.73 13.14 38.96
C CYS A 473 10.58 11.90 38.99
N ASN A 474 10.96 11.38 37.83
CA ASN A 474 11.83 10.20 37.75
C ASN A 474 13.27 10.56 38.19
N LEU A 475 13.72 11.80 37.88
CA LEU A 475 15.01 12.30 38.34
C LEU A 475 14.99 12.32 39.91
N GLY A 476 13.88 12.79 40.48
CA GLY A 476 13.67 12.80 41.93
C GLY A 476 13.42 11.45 42.56
N GLY A 477 13.40 10.39 41.76
CA GLY A 477 13.27 9.01 42.24
C GLY A 477 11.91 8.34 42.23
N ALA A 478 10.85 9.00 41.73
CA ALA A 478 9.50 8.42 41.74
C ALA A 478 8.59 9.07 40.69
N VAL A 479 8.23 8.34 39.63
CA VAL A 479 7.36 8.87 38.57
C VAL A 479 5.94 9.22 39.08
N CYS A 480 5.51 10.47 38.84
CA CYS A 480 4.18 10.95 39.21
C CYS A 480 3.10 10.29 38.31
N ARG A 481 1.83 10.34 38.73
CA ARG A 481 0.73 9.73 38.00
C ARG A 481 0.52 10.33 36.60
N HIS A 482 0.56 11.67 36.49
CA HIS A 482 0.41 12.35 35.19
C HIS A 482 1.47 11.87 34.19
N HIS A 483 2.75 11.89 34.60
CA HIS A 483 3.83 11.49 33.71
C HIS A 483 3.78 9.97 33.43
N ALA A 484 3.28 9.15 34.37
CA ALA A 484 3.14 7.71 34.11
C ALA A 484 2.07 7.48 33.02
N ASN A 485 0.96 8.23 33.08
CA ASN A 485 -0.15 8.13 32.12
C ASN A 485 0.31 8.61 30.76
N GLU A 486 1.06 9.72 30.71
CA GLU A 486 1.58 10.28 29.47
C GLU A 486 2.63 9.39 28.84
N TYR A 487 3.45 8.73 29.66
CA TYR A 487 4.50 7.82 29.21
C TYR A 487 3.81 6.62 28.56
N ARG A 488 2.80 6.02 29.25
CA ARG A 488 2.11 4.84 28.71
C ARG A 488 1.39 5.16 27.40
N LEU A 489 0.79 6.35 27.31
CA LEU A 489 0.14 6.81 26.09
C LEU A 489 1.16 6.96 24.97
N TYR A 490 2.32 7.59 25.29
CA TYR A 490 3.39 7.79 24.33
C TYR A 490 3.94 6.48 23.81
N LEU A 491 4.18 5.53 24.69
CA LEU A 491 4.70 4.21 24.36
C LEU A 491 3.71 3.48 23.41
N ASP A 492 2.40 3.59 23.65
CA ASP A 492 1.41 2.95 22.78
C ASP A 492 1.48 3.58 21.39
N ALA A 493 1.58 4.92 21.32
CA ALA A 493 1.66 5.64 20.05
C ALA A 493 2.95 5.25 19.30
N TYR A 494 4.05 5.16 20.03
CA TYR A 494 5.33 4.77 19.49
C TYR A 494 5.26 3.35 18.90
N ASN A 495 4.72 2.38 19.66
CA ASN A 495 4.62 1.01 19.18
C ASN A 495 3.68 0.90 17.96
N MET A 496 2.66 1.76 17.89
CA MET A 496 1.72 1.80 16.78
C MET A 496 2.48 2.24 15.49
N MET A 497 3.27 3.32 15.59
CA MET A 497 4.05 3.86 14.48
C MET A 497 5.07 2.82 13.97
N ILE A 498 5.78 2.15 14.88
CA ILE A 498 6.79 1.14 14.56
C ILE A 498 6.15 -0.04 13.84
N SER A 499 5.07 -0.58 14.38
CA SER A 499 4.36 -1.70 13.79
C SER A 499 3.69 -1.35 12.45
N ALA A 500 3.33 -0.07 12.23
CA ALA A 500 2.87 0.39 10.94
C ALA A 500 3.99 0.33 9.87
N GLY A 501 5.27 0.21 10.28
CA GLY A 501 6.38 0.10 9.36
C GLY A 501 7.39 1.22 9.39
N PHE A 502 7.17 2.27 10.19
CA PHE A 502 8.13 3.35 10.29
C PHE A 502 9.34 3.01 11.13
N SER A 503 10.52 3.42 10.66
CA SER A 503 11.77 3.19 11.37
C SER A 503 12.42 4.55 11.66
N LEU A 504 13.01 4.67 12.84
CA LEU A 504 13.62 5.91 13.28
C LEU A 504 15.11 5.78 13.44
N TRP A 505 15.83 6.79 12.96
CA TRP A 505 17.28 6.82 12.96
C TRP A 505 17.76 8.19 13.39
N VAL A 506 18.94 8.21 14.02
CA VAL A 506 19.48 9.44 14.59
C VAL A 506 21.01 9.51 14.49
N TYR A 507 21.56 10.73 14.58
CA TYR A 507 23.00 10.96 14.59
C TYR A 507 23.66 10.17 15.77
N LYS A 508 24.84 9.58 15.55
CA LYS A 508 25.48 8.70 16.54
C LYS A 508 25.71 9.33 17.92
N GLN A 509 25.88 10.65 18.00
CA GLN A 509 26.13 11.32 19.28
C GLN A 509 24.86 11.49 20.13
N PHE A 510 23.66 11.18 19.58
CA PHE A 510 22.42 11.33 20.35
C PHE A 510 22.45 10.50 21.63
N ASP A 511 22.24 11.14 22.76
CA ASP A 511 22.30 10.48 24.06
C ASP A 511 21.29 11.11 24.98
N THR A 512 20.27 10.32 25.39
CA THR A 512 19.24 10.80 26.30
C THR A 512 19.76 11.18 27.69
N TYR A 513 20.99 10.73 28.04
CA TYR A 513 21.61 11.14 29.30
C TYR A 513 21.78 12.67 29.34
N ASN A 514 21.84 13.33 28.15
CA ASN A 514 21.95 14.77 28.06
C ASN A 514 20.64 15.50 28.38
N LEU A 515 19.51 14.80 28.45
CA LEU A 515 18.23 15.42 28.77
C LEU A 515 17.99 15.62 30.27
N TRP A 516 18.64 14.84 31.12
CA TRP A 516 18.44 14.96 32.57
C TRP A 516 18.79 16.35 33.12
N ASN A 517 19.84 17.00 32.56
CA ASN A 517 20.23 18.33 33.03
C ASN A 517 19.38 19.47 32.48
N THR A 518 18.33 19.18 31.69
CA THR A 518 17.37 20.20 31.31
C THR A 518 16.37 20.44 32.52
N PHE A 519 16.50 19.67 33.63
CA PHE A 519 15.74 19.83 34.88
C PHE A 519 16.74 20.32 35.93
N THR A 520 16.74 21.63 36.23
CA THR A 520 17.66 22.21 37.21
C THR A 520 16.94 23.13 38.20
ZN ZN B . 7.63 -6.08 -10.85
ZN ZN C . 5.99 13.92 36.93
ZN ZN D . -21.29 -9.38 5.03
P PO4 E . -12.22 0.44 -2.13
O1 PO4 E . -12.97 -0.32 -0.99
O2 PO4 E . -10.98 1.27 -1.55
O3 PO4 E . -13.27 1.48 -2.77
O4 PO4 E . -11.66 -0.58 -3.22
P PO4 F . 3.24 15.78 28.32
O1 PO4 F . 2.67 15.83 29.77
O2 PO4 F . 4.67 16.47 28.26
O3 PO4 F . 3.38 14.26 27.84
O4 PO4 F . 2.23 16.56 27.35
C4 LLU G . 6.78 -11.64 -5.19
C5 LLU G . 7.39 -12.41 -6.18
C6 LLU G . 8.72 -12.24 -6.49
C7 LLU G . 9.47 -11.30 -5.81
C8 LLU G . 8.86 -10.53 -4.84
C1 LLU G . 5.41 -9.02 -1.97
C2 LLU G . 5.62 -9.83 -3.25
O1 LLU G . 7.01 -9.87 -3.50
C3 LLU G . 7.52 -10.68 -4.49
F1 LLU G . 9.58 -9.61 -4.16
C9 LLU G . 4.84 -9.20 -4.43
O2 LLU G . 3.71 -9.67 -4.67
O3 LLU G . 5.42 -8.30 -5.08
#